data_4YQS
#
_entry.id   4YQS
#
_cell.length_a   94.353
_cell.length_b   94.353
_cell.length_c   177.775
_cell.angle_alpha   90.000
_cell.angle_beta   90.000
_cell.angle_gamma   120.000
#
_symmetry.space_group_name_H-M   'H 3 2'
#
loop_
_entity.id
_entity.type
_entity.pdbx_description
1 polymer 'tRNA (guanine-N(1)-)-methyltransferase'
2 non-polymer (5-amino-1H-1,2,4-triazol-1-yl)(4-methoxyphenyl)methanone
3 water water
#
_entity_poly.entity_id   1
_entity_poly.type   'polypeptide(L)'
_entity_poly.pdbx_seq_one_letter_code
;GLVPRGSHMWIGVISLFPEMFKAITEFGVTGRAVKHNLLKVECWNPRDFTFDKHKTVDDRPYGGGPGMLMMVQPLRDAIH
TAKAAAGEGAKVIYLSPQGRKLDQGGVTELAQNQKLILVCGRYEGIDERLIQTEIDEEWSIGDYVLTGGELPAMTLIDAV
ARFIPGVLGKQASAEEDSFADGLLDCPHYTRPEVLEGLTVPPVLMSGHHEEIRKWRLKQSLQRTWLRRPELLEGLALTDE
QRKLLKEAQAEHNS
;
_entity_poly.pdbx_strand_id   A
#
# COMPACT_ATOMS: atom_id res chain seq x y z
N SER A 7 -17.60 0.88 7.32
CA SER A 7 -18.20 0.66 6.01
C SER A 7 -17.67 1.65 4.94
N HIS A 8 -16.92 2.67 5.37
CA HIS A 8 -16.59 3.82 4.53
C HIS A 8 -15.20 4.22 5.01
N MET A 9 -14.34 4.65 4.09
CA MET A 9 -13.05 5.17 4.48
C MET A 9 -12.89 6.52 3.83
N TRP A 10 -12.37 7.49 4.60
CA TRP A 10 -12.06 8.82 4.08
C TRP A 10 -10.53 9.02 4.15
N ILE A 11 -9.94 9.42 3.04
CA ILE A 11 -8.51 9.63 3.08
C ILE A 11 -8.21 11.02 2.57
N GLY A 12 -7.61 11.83 3.44
CA GLY A 12 -7.16 13.17 3.05
C GLY A 12 -5.73 13.04 2.52
N VAL A 13 -5.42 13.78 1.45
CA VAL A 13 -4.11 13.70 0.87
C VAL A 13 -3.51 15.09 0.73
N ILE A 14 -2.23 15.21 1.12
CA ILE A 14 -1.54 16.49 0.94
C ILE A 14 -0.45 16.27 -0.09
N SER A 15 -0.55 16.93 -1.25
CA SER A 15 0.35 16.65 -2.36
C SER A 15 0.42 17.83 -3.32
N LEU A 16 1.64 18.06 -3.82
CA LEU A 16 1.88 19.08 -4.84
C LEU A 16 1.33 18.62 -6.22
N PHE A 17 0.95 17.36 -6.33
CA PHE A 17 0.47 16.81 -7.65
C PHE A 17 -0.80 16.01 -7.47
N PRO A 18 -1.87 16.67 -7.04
CA PRO A 18 -3.07 15.92 -6.68
C PRO A 18 -3.65 15.16 -7.89
N GLU A 19 -3.39 15.64 -9.11
CA GLU A 19 -3.94 14.94 -10.29
C GLU A 19 -3.36 13.53 -10.43
N MET A 20 -2.23 13.25 -9.77
CA MET A 20 -1.70 11.86 -9.81
C MET A 20 -2.72 10.86 -9.24
N PHE A 21 -3.50 11.31 -8.25
CA PHE A 21 -4.43 10.41 -7.58
C PHE A 21 -5.62 9.99 -8.43
N LYS A 22 -5.80 10.63 -9.59
CA LYS A 22 -6.76 10.06 -10.57
C LYS A 22 -6.46 8.62 -10.94
N ALA A 23 -5.18 8.25 -10.87
CA ALA A 23 -4.83 6.88 -11.23
C ALA A 23 -5.60 5.88 -10.33
N ILE A 24 -5.87 6.25 -9.08
CA ILE A 24 -6.65 5.29 -8.28
C ILE A 24 -8.11 5.73 -8.17
N THR A 25 -8.41 7.03 -8.29
CA THR A 25 -9.84 7.41 -8.10
C THR A 25 -10.68 7.24 -9.38
N GLU A 26 -10.04 7.08 -10.53
CA GLU A 26 -10.84 6.99 -11.76
C GLU A 26 -10.85 5.61 -12.45
N PHE A 27 -10.13 4.64 -11.93
CA PHE A 27 -9.94 3.39 -12.63
C PHE A 27 -10.04 2.17 -11.72
N GLY A 28 -10.56 1.10 -12.29
CA GLY A 28 -10.49 -0.19 -11.67
C GLY A 28 -11.32 -0.26 -10.41
N VAL A 29 -10.98 -1.25 -9.61
CA VAL A 29 -11.66 -1.55 -8.35
C VAL A 29 -11.71 -0.32 -7.44
N THR A 30 -10.61 0.41 -7.34
CA THR A 30 -10.58 1.56 -6.44
C THR A 30 -11.42 2.70 -7.04
N GLY A 31 -11.45 2.82 -8.38
CA GLY A 31 -12.30 3.84 -9.04
C GLY A 31 -13.76 3.52 -8.76
N ARG A 32 -14.11 2.24 -8.81
CA ARG A 32 -15.48 1.86 -8.50
C ARG A 32 -15.83 2.20 -7.02
N ALA A 33 -14.87 1.94 -6.15
CA ALA A 33 -15.07 2.22 -4.71
C ALA A 33 -15.33 3.70 -4.48
N VAL A 34 -14.61 4.55 -5.19
CA VAL A 34 -14.82 6.02 -5.07
C VAL A 34 -16.16 6.42 -5.66
N LYS A 35 -16.46 5.92 -6.86
CA LYS A 35 -17.76 6.27 -7.45
C LYS A 35 -18.93 5.84 -6.55
N HIS A 36 -18.80 4.69 -5.93
CA HIS A 36 -19.89 4.19 -5.10
C HIS A 36 -19.84 4.69 -3.63
N ASN A 37 -19.00 5.70 -3.37
CA ASN A 37 -18.90 6.33 -2.03
C ASN A 37 -18.41 5.41 -0.91
N LEU A 38 -17.70 4.35 -1.25
CA LEU A 38 -17.16 3.47 -0.21
C LEU A 38 -15.85 4.06 0.25
N LEU A 39 -15.19 4.75 -0.68
CA LEU A 39 -13.87 5.33 -0.43
C LEU A 39 -13.95 6.79 -0.87
N LYS A 40 -13.46 7.70 -0.04
CA LYS A 40 -13.43 9.08 -0.48
C LYS A 40 -11.99 9.55 -0.37
N VAL A 41 -11.48 10.18 -1.41
CA VAL A 41 -10.11 10.65 -1.40
C VAL A 41 -10.19 12.16 -1.66
N GLU A 42 -9.62 12.93 -0.74
CA GLU A 42 -9.75 14.39 -0.81
C GLU A 42 -8.34 15.00 -0.76
N CYS A 43 -7.95 15.85 -1.73
CA CYS A 43 -6.54 16.30 -1.82
C CYS A 43 -6.47 17.81 -1.56
N TRP A 44 -5.40 18.21 -0.86
CA TRP A 44 -5.09 19.62 -0.65
C TRP A 44 -3.70 19.81 -1.18
N ASN A 45 -3.46 20.89 -1.91
CA ASN A 45 -2.18 21.15 -2.57
C ASN A 45 -1.49 22.34 -1.83
N PRO A 46 -0.30 22.14 -1.26
CA PRO A 46 0.42 23.25 -0.60
C PRO A 46 0.54 24.47 -1.51
N ARG A 47 0.61 24.26 -2.83
CA ARG A 47 0.74 25.45 -3.68
CA ARG A 47 0.68 25.40 -3.77
C ARG A 47 -0.45 26.39 -3.50
N ASP A 48 -1.61 25.85 -3.16
CA ASP A 48 -2.77 26.72 -2.95
C ASP A 48 -2.71 27.55 -1.63
N PHE A 49 -1.75 27.22 -0.78
CA PHE A 49 -1.60 27.91 0.50
C PHE A 49 -0.41 28.85 0.49
N THR A 50 0.20 29.07 -0.69
CA THR A 50 1.30 30.02 -0.80
C THR A 50 0.72 31.43 -0.90
N PHE A 51 1.56 32.44 -0.62
CA PHE A 51 1.14 33.83 -0.79
C PHE A 51 2.07 34.64 -1.68
N ASP A 52 3.23 34.10 -2.05
CA ASP A 52 4.09 34.96 -2.88
C ASP A 52 3.64 34.85 -4.35
N LYS A 53 4.07 35.79 -5.18
CA LYS A 53 3.60 35.88 -6.56
C LYS A 53 3.91 34.61 -7.37
N HIS A 54 5.03 33.99 -7.09
CA HIS A 54 5.34 32.76 -7.88
C HIS A 54 5.00 31.47 -7.16
N LYS A 55 4.23 31.58 -6.10
CA LYS A 55 3.63 30.39 -5.46
C LYS A 55 4.71 29.38 -5.11
N THR A 56 5.67 29.82 -4.30
CA THR A 56 6.84 29.00 -4.02
C THR A 56 6.54 27.90 -3.01
N VAL A 57 6.92 26.64 -3.32
CA VAL A 57 6.59 25.56 -2.39
C VAL A 57 7.82 24.81 -1.97
N ASP A 58 9.02 25.28 -2.37
CA ASP A 58 10.23 24.66 -1.82
C ASP A 58 11.09 25.69 -1.06
N ASP A 59 12.13 25.21 -0.40
CA ASP A 59 12.97 26.12 0.43
C ASP A 59 14.32 25.42 0.66
N ARG A 60 15.34 26.23 0.92
CA ARG A 60 16.71 25.77 1.04
C ARG A 60 16.96 25.07 2.39
N PRO A 61 17.73 23.98 2.35
CA PRO A 61 17.94 23.29 3.64
C PRO A 61 18.99 24.01 4.51
N TYR A 62 18.75 24.13 5.82
CA TYR A 62 19.82 24.63 6.67
C TYR A 62 20.99 23.65 6.58
N GLY A 63 22.19 24.16 6.51
CA GLY A 63 23.36 23.29 6.47
C GLY A 63 23.88 23.01 5.08
N GLY A 64 23.14 23.44 4.07
CA GLY A 64 23.60 23.28 2.71
C GLY A 64 23.21 21.93 2.20
N GLY A 65 23.72 21.59 1.03
CA GLY A 65 23.41 20.28 0.49
C GLY A 65 22.87 20.47 -0.89
N PRO A 66 22.76 19.38 -1.64
CA PRO A 66 22.40 19.54 -3.04
C PRO A 66 20.97 20.09 -3.21
N GLY A 67 20.04 19.50 -2.48
CA GLY A 67 18.64 19.65 -2.83
C GLY A 67 17.86 20.75 -2.13
N MET A 68 16.54 20.66 -2.28
CA MET A 68 15.62 21.57 -1.63
C MET A 68 14.70 20.74 -0.74
N LEU A 69 14.00 21.41 0.17
CA LEU A 69 12.98 20.75 0.98
C LEU A 69 11.67 21.37 0.65
N MET A 70 10.57 20.72 1.05
CA MET A 70 9.26 21.36 1.05
CA MET A 70 9.28 21.41 0.94
C MET A 70 9.28 22.60 1.93
N MET A 71 8.76 23.70 1.43
CA MET A 71 8.67 24.90 2.24
C MET A 71 7.71 24.65 3.41
N VAL A 72 8.06 25.11 4.61
CA VAL A 72 7.23 24.73 5.78
C VAL A 72 5.85 25.39 5.79
N GLN A 73 5.78 26.71 5.57
CA GLN A 73 4.45 27.38 5.77
C GLN A 73 3.29 26.85 4.87
N PRO A 74 3.56 26.63 3.58
CA PRO A 74 2.40 26.18 2.80
C PRO A 74 2.01 24.75 3.14
N LEU A 75 3.01 23.95 3.46
CA LEU A 75 2.76 22.54 3.77
C LEU A 75 2.05 22.40 5.07
N ARG A 76 2.55 23.13 6.06
CA ARG A 76 1.91 23.15 7.36
C ARG A 76 0.45 23.62 7.26
N ASP A 77 0.21 24.69 6.49
CA ASP A 77 -1.16 25.20 6.40
C ASP A 77 -2.09 24.17 5.71
N ALA A 78 -1.57 23.49 4.69
CA ALA A 78 -2.37 22.45 3.98
C ALA A 78 -2.73 21.33 4.95
N ILE A 79 -1.76 20.89 5.73
CA ILE A 79 -2.01 19.86 6.72
C ILE A 79 -3.07 20.29 7.74
N HIS A 80 -2.96 21.53 8.24
CA HIS A 80 -3.96 22.01 9.19
C HIS A 80 -5.34 22.05 8.60
N THR A 81 -5.41 22.40 7.32
CA THR A 81 -6.73 22.46 6.68
C THR A 81 -7.33 21.05 6.51
N ALA A 82 -6.47 20.11 6.12
CA ALA A 82 -6.92 18.71 6.03
C ALA A 82 -7.40 18.17 7.38
N LYS A 83 -6.65 18.48 8.46
CA LYS A 83 -7.01 18.02 9.80
C LYS A 83 -8.35 18.64 10.21
N ALA A 84 -8.54 19.92 9.92
CA ALA A 84 -9.87 20.51 10.21
C ALA A 84 -11.00 19.84 9.43
N ALA A 85 -10.77 19.52 8.17
CA ALA A 85 -11.75 18.78 7.39
C ALA A 85 -12.06 17.39 7.96
N ALA A 86 -11.02 16.71 8.45
CA ALA A 86 -11.17 15.33 8.90
C ALA A 86 -12.04 15.24 10.15
N GLY A 87 -11.98 16.28 10.94
CA GLY A 87 -12.58 16.26 12.27
C GLY A 87 -11.73 15.35 13.12
N GLU A 88 -12.27 14.90 14.24
CA GLU A 88 -11.53 14.12 15.25
C GLU A 88 -11.26 12.68 14.82
N GLY A 89 -10.14 12.15 15.29
CA GLY A 89 -9.80 10.76 15.06
C GLY A 89 -9.09 10.41 13.75
N ALA A 90 -8.62 11.37 12.97
CA ALA A 90 -7.85 11.00 11.80
C ALA A 90 -6.40 10.71 12.19
N LYS A 91 -5.80 9.65 11.68
CA LYS A 91 -4.37 9.39 11.89
C LYS A 91 -3.60 10.03 10.73
N VAL A 92 -2.57 10.82 11.05
CA VAL A 92 -1.78 11.55 10.02
C VAL A 92 -0.48 10.74 9.73
N ILE A 93 -0.26 10.39 8.46
CA ILE A 93 0.84 9.51 8.07
C ILE A 93 1.74 10.24 7.11
N TYR A 94 3.04 10.18 7.36
CA TYR A 94 4.00 10.70 6.40
C TYR A 94 4.65 9.49 5.67
N LEU A 95 4.59 9.43 4.35
CA LEU A 95 5.22 8.33 3.63
CA LEU A 95 5.23 8.31 3.68
C LEU A 95 6.71 8.59 3.47
N SER A 96 7.55 7.67 3.94
CA SER A 96 9.00 7.82 3.68
C SER A 96 9.74 6.50 3.91
N PRO A 97 10.96 6.39 3.35
CA PRO A 97 11.80 5.20 3.52
C PRO A 97 12.27 5.03 4.99
N GLN A 98 12.12 6.09 5.81
CA GLN A 98 12.54 6.01 7.23
C GLN A 98 11.36 5.48 8.07
N GLY A 99 10.21 5.21 7.42
CA GLY A 99 9.04 4.74 8.15
C GLY A 99 9.02 3.25 8.46
N ARG A 100 8.00 2.84 9.20
CA ARG A 100 7.70 1.43 9.46
C ARG A 100 7.45 0.72 8.12
N LYS A 101 8.08 -0.42 7.93
CA LYS A 101 7.92 -1.14 6.68
CA LYS A 101 7.91 -1.16 6.66
C LYS A 101 6.50 -1.70 6.52
N LEU A 102 5.81 -1.29 5.46
CA LEU A 102 4.47 -1.83 5.18
C LEU A 102 4.48 -3.31 4.79
N ASP A 103 3.64 -4.13 5.44
CA ASP A 103 3.36 -5.46 4.94
C ASP A 103 1.85 -5.72 5.17
N GLN A 104 1.34 -6.90 4.87
CA GLN A 104 -0.10 -7.09 4.90
C GLN A 104 -0.66 -6.98 6.33
N GLY A 105 0.09 -7.42 7.32
CA GLY A 105 -0.30 -7.19 8.71
C GLY A 105 -0.48 -5.69 9.00
N GLY A 106 0.44 -4.88 8.51
CA GLY A 106 0.31 -3.45 8.73
C GLY A 106 -0.80 -2.83 7.90
N VAL A 107 -1.06 -3.37 6.69
CA VAL A 107 -2.20 -2.89 5.92
C VAL A 107 -3.51 -3.14 6.72
N THR A 108 -3.61 -4.35 7.26
CA THR A 108 -4.83 -4.71 8.00
C THR A 108 -4.97 -3.76 9.23
N GLU A 109 -3.86 -3.38 9.83
CA GLU A 109 -3.93 -2.43 10.96
C GLU A 109 -4.39 -1.02 10.52
N LEU A 110 -3.82 -0.55 9.43
CA LEU A 110 -4.17 0.79 8.92
C LEU A 110 -5.61 0.83 8.47
N ALA A 111 -6.10 -0.31 7.99
CA ALA A 111 -7.44 -0.37 7.42
C ALA A 111 -8.49 -0.28 8.54
N GLN A 112 -8.08 -0.38 9.80
CA GLN A 112 -9.07 -0.25 10.91
C GLN A 112 -9.47 1.22 11.10
N ASN A 113 -8.74 2.15 10.46
CA ASN A 113 -8.99 3.58 10.64
C ASN A 113 -10.07 4.05 9.68
N GLN A 114 -10.99 4.86 10.17
CA GLN A 114 -12.06 5.38 9.33
C GLN A 114 -11.55 6.58 8.58
N LYS A 115 -10.55 7.28 9.16
CA LYS A 115 -9.96 8.47 8.54
C LYS A 115 -8.43 8.41 8.60
N LEU A 116 -7.80 8.72 7.48
CA LEU A 116 -6.36 8.85 7.40
C LEU A 116 -6.06 10.14 6.68
N ILE A 117 -4.95 10.78 7.04
CA ILE A 117 -4.42 11.86 6.23
C ILE A 117 -3.01 11.48 5.80
N LEU A 118 -2.73 11.53 4.50
CA LEU A 118 -1.46 11.06 3.96
C LEU A 118 -0.65 12.26 3.45
N VAL A 119 0.54 12.44 3.99
CA VAL A 119 1.34 13.58 3.57
C VAL A 119 2.43 13.11 2.62
N CYS A 120 2.42 13.63 1.37
CA CYS A 120 3.33 13.18 0.32
C CYS A 120 4.50 14.16 0.22
N GLY A 121 5.71 13.68 0.51
CA GLY A 121 6.87 14.56 0.39
C GLY A 121 7.30 14.68 -1.08
N ARG A 122 7.97 15.79 -1.40
CA ARG A 122 8.62 16.01 -2.67
C ARG A 122 10.00 16.59 -2.38
N TYR A 123 10.84 16.69 -3.41
CA TYR A 123 12.22 17.20 -3.25
C TYR A 123 12.96 16.34 -2.29
N GLU A 124 13.75 16.92 -1.37
CA GLU A 124 14.51 16.07 -0.45
C GLU A 124 13.69 15.69 0.78
N GLY A 125 12.46 16.19 0.88
CA GLY A 125 11.57 15.72 1.94
C GLY A 125 11.03 16.91 2.74
N ILE A 126 10.67 16.69 3.99
CA ILE A 126 10.01 17.76 4.79
C ILE A 126 10.81 18.02 6.08
N ASP A 127 10.55 19.18 6.67
CA ASP A 127 11.25 19.59 7.86
C ASP A 127 10.97 18.60 8.98
N GLU A 128 12.03 18.19 9.65
CA GLU A 128 11.94 17.22 10.71
C GLU A 128 10.96 17.68 11.83
N ARG A 129 10.89 18.98 12.12
CA ARG A 129 10.01 19.44 13.19
C ARG A 129 8.53 19.28 12.81
N LEU A 130 8.24 19.24 11.50
CA LEU A 130 6.84 18.98 11.10
C LEU A 130 6.49 17.53 11.38
N ILE A 131 7.47 16.63 11.17
CA ILE A 131 7.24 15.23 11.51
C ILE A 131 6.94 15.12 13.02
N GLN A 132 7.74 15.83 13.82
CA GLN A 132 7.55 15.83 15.26
C GLN A 132 6.20 16.39 15.69
N THR A 133 5.78 17.48 15.04
CA THR A 133 4.59 18.20 15.54
C THR A 133 3.27 17.83 14.79
N GLU A 134 3.35 17.26 13.60
CA GLU A 134 2.11 17.08 12.80
C GLU A 134 1.84 15.64 12.46
N ILE A 135 2.87 14.79 12.52
CA ILE A 135 2.73 13.43 11.93
C ILE A 135 2.55 12.42 13.05
N ASP A 136 1.59 11.53 12.92
CA ASP A 136 1.46 10.48 13.90
C ASP A 136 2.37 9.28 13.66
N GLU A 137 2.50 8.87 12.40
CA GLU A 137 3.24 7.67 12.06
C GLU A 137 3.96 7.89 10.74
N GLU A 138 5.17 7.33 10.58
CA GLU A 138 5.81 7.26 9.24
C GLU A 138 5.76 5.80 8.76
N TRP A 139 5.46 5.63 7.50
CA TRP A 139 5.36 4.28 6.88
C TRP A 139 6.16 4.27 5.59
N SER A 140 6.91 3.17 5.38
CA SER A 140 7.62 2.96 4.12
C SER A 140 6.94 1.87 3.30
N ILE A 141 6.86 2.00 1.96
CA ILE A 141 6.32 0.87 1.19
C ILE A 141 7.44 -0.07 0.78
N GLY A 142 8.67 0.32 1.03
CA GLY A 142 9.77 -0.59 0.73
C GLY A 142 11.10 0.14 0.73
N ASP A 143 12.19 -0.64 0.80
CA ASP A 143 13.53 -0.07 0.89
C ASP A 143 14.12 0.34 -0.50
N TYR A 144 13.52 1.34 -1.11
CA TYR A 144 13.97 1.89 -2.39
C TYR A 144 13.55 3.33 -2.38
N VAL A 145 14.21 4.16 -3.18
CA VAL A 145 13.96 5.61 -3.12
C VAL A 145 13.20 6.06 -4.34
N LEU A 146 12.14 6.80 -4.09
CA LEU A 146 11.26 7.29 -5.14
C LEU A 146 11.39 8.80 -5.25
N THR A 147 10.75 9.42 -6.26
CA THR A 147 10.87 10.87 -6.44
C THR A 147 9.87 11.61 -5.56
N GLY A 148 8.88 10.90 -5.00
CA GLY A 148 7.97 11.61 -4.09
C GLY A 148 7.10 10.59 -3.34
N GLY A 149 6.31 11.11 -2.40
CA GLY A 149 5.46 10.23 -1.59
C GLY A 149 4.11 9.82 -2.23
N GLU A 150 3.79 10.31 -3.43
CA GLU A 150 2.46 10.07 -3.99
C GLU A 150 2.26 8.59 -4.38
N LEU A 151 3.27 7.99 -5.02
CA LEU A 151 3.06 6.58 -5.37
C LEU A 151 2.96 5.70 -4.11
N PRO A 152 3.80 5.98 -3.06
CA PRO A 152 3.57 5.21 -1.83
C PRO A 152 2.17 5.46 -1.22
N ALA A 153 1.70 6.70 -1.26
CA ALA A 153 0.36 6.99 -0.69
C ALA A 153 -0.71 6.24 -1.48
N MET A 154 -0.56 6.24 -2.81
CA MET A 154 -1.57 5.53 -3.61
C MET A 154 -1.53 4.02 -3.37
N THR A 155 -0.31 3.52 -3.21
CA THR A 155 -0.11 2.12 -2.88
C THR A 155 -0.82 1.76 -1.59
N LEU A 156 -0.63 2.63 -0.61
CA LEU A 156 -1.25 2.38 0.68
C LEU A 156 -2.77 2.42 0.57
N ILE A 157 -3.30 3.42 -0.16
CA ILE A 157 -4.75 3.55 -0.36
C ILE A 157 -5.34 2.30 -1.03
N ASP A 158 -4.65 1.86 -2.05
CA ASP A 158 -5.14 0.70 -2.81
C ASP A 158 -5.16 -0.49 -1.86
N ALA A 159 -4.09 -0.66 -1.07
CA ALA A 159 -4.01 -1.86 -0.24
C ALA A 159 -5.11 -1.84 0.84
N VAL A 160 -5.33 -0.69 1.47
CA VAL A 160 -6.35 -0.67 2.53
C VAL A 160 -7.76 -0.75 1.96
N ALA A 161 -7.95 -0.19 0.78
CA ALA A 161 -9.25 -0.20 0.12
C ALA A 161 -9.79 -1.60 -0.03
N ARG A 162 -8.90 -2.57 -0.24
CA ARG A 162 -9.38 -3.92 -0.41
C ARG A 162 -10.12 -4.43 0.84
N PHE A 163 -9.94 -3.77 1.98
CA PHE A 163 -10.61 -4.19 3.22
C PHE A 163 -11.95 -3.54 3.51
N ILE A 164 -12.32 -2.55 2.71
CA ILE A 164 -13.62 -1.88 2.89
C ILE A 164 -14.66 -2.81 2.38
N PRO A 165 -15.70 -3.07 3.18
CA PRO A 165 -16.69 -4.04 2.68
C PRO A 165 -17.34 -3.52 1.42
N GLY A 166 -17.49 -4.40 0.44
CA GLY A 166 -18.17 -4.03 -0.79
C GLY A 166 -17.21 -3.64 -1.90
N VAL A 167 -15.95 -3.39 -1.55
CA VAL A 167 -15.00 -3.00 -2.56
C VAL A 167 -14.63 -4.20 -3.45
N LEU A 168 -14.38 -5.36 -2.84
CA LEU A 168 -14.06 -6.55 -3.62
C LEU A 168 -15.36 -7.30 -3.90
N GLY A 169 -15.41 -8.07 -4.98
CA GLY A 169 -16.61 -8.82 -5.33
C GLY A 169 -16.89 -10.01 -4.42
N ASP A 181 -2.98 -15.57 4.16
CA ASP A 181 -2.70 -16.33 5.38
C ASP A 181 -1.20 -16.63 5.53
N GLY A 182 -0.37 -15.73 5.03
CA GLY A 182 1.05 -15.83 5.29
C GLY A 182 1.83 -16.46 4.13
N LEU A 183 1.14 -17.09 3.19
CA LEU A 183 1.80 -17.84 2.10
C LEU A 183 1.74 -17.10 0.77
N LEU A 184 2.70 -17.39 -0.11
CA LEU A 184 2.60 -16.92 -1.50
C LEU A 184 1.42 -17.59 -2.18
N ASP A 185 0.90 -16.91 -3.20
CA ASP A 185 -0.25 -17.40 -3.95
C ASP A 185 0.08 -18.69 -4.74
N CYS A 186 -0.91 -19.54 -5.05
CA CYS A 186 -0.66 -20.67 -5.93
C CYS A 186 -0.72 -20.21 -7.43
N PRO A 187 -0.23 -21.05 -8.36
CA PRO A 187 -0.43 -20.79 -9.81
C PRO A 187 -1.89 -20.87 -10.20
N HIS A 188 -2.22 -20.11 -11.26
CA HIS A 188 -3.59 -19.96 -11.73
C HIS A 188 -3.58 -20.35 -13.19
N TYR A 189 -4.66 -20.98 -13.66
CA TYR A 189 -4.76 -21.37 -15.08
C TYR A 189 -6.14 -21.01 -15.58
N THR A 190 -6.19 -20.63 -16.86
CA THR A 190 -7.46 -20.42 -17.53
C THR A 190 -7.31 -20.95 -18.98
N ARG A 191 -8.30 -20.72 -19.82
CA ARG A 191 -8.25 -21.31 -21.19
C ARG A 191 -7.06 -20.76 -21.94
N PRO A 192 -6.50 -21.51 -22.90
CA PRO A 192 -6.87 -22.85 -23.39
C PRO A 192 -6.27 -23.97 -22.56
N GLU A 193 -6.81 -25.16 -22.77
CA GLU A 193 -6.32 -26.30 -21.99
C GLU A 193 -4.82 -26.62 -22.25
N VAL A 194 -4.36 -26.33 -23.46
CA VAL A 194 -2.94 -26.46 -23.83
C VAL A 194 -2.43 -25.15 -24.43
N LEU A 195 -1.34 -24.64 -23.86
CA LEU A 195 -0.78 -23.37 -24.31
C LEU A 195 0.74 -23.51 -24.50
N GLU A 196 1.21 -23.28 -25.72
CA GLU A 196 2.59 -23.58 -26.09
C GLU A 196 3.05 -24.96 -25.60
N GLY A 197 2.21 -26.00 -25.74
CA GLY A 197 2.56 -27.35 -25.32
C GLY A 197 2.41 -27.64 -23.84
N LEU A 198 2.08 -26.60 -23.07
CA LEU A 198 1.94 -26.72 -21.62
C LEU A 198 0.49 -26.95 -21.26
N THR A 199 0.22 -28.00 -20.50
CA THR A 199 -1.15 -28.42 -20.21
C THR A 199 -1.55 -27.88 -18.86
N VAL A 200 -2.84 -27.69 -18.65
CA VAL A 200 -3.34 -27.40 -17.32
C VAL A 200 -3.22 -28.67 -16.44
N PRO A 201 -2.68 -28.55 -15.21
CA PRO A 201 -2.72 -29.70 -14.27
C PRO A 201 -4.10 -30.39 -14.18
N PRO A 202 -4.14 -31.70 -14.43
CA PRO A 202 -5.40 -32.46 -14.51
C PRO A 202 -6.25 -32.35 -13.25
N VAL A 203 -5.64 -32.25 -12.07
CA VAL A 203 -6.45 -32.09 -10.87
C VAL A 203 -7.42 -30.91 -11.01
N LEU A 204 -6.97 -29.82 -11.63
CA LEU A 204 -7.86 -28.66 -11.75
C LEU A 204 -9.04 -28.90 -12.69
N MET A 205 -8.98 -29.97 -13.49
CA MET A 205 -10.08 -30.27 -14.40
C MET A 205 -10.88 -31.45 -13.94
N SER A 206 -10.54 -31.99 -12.77
CA SER A 206 -11.22 -33.12 -12.16
C SER A 206 -12.60 -32.81 -11.57
N GLY A 207 -12.84 -31.57 -11.18
CA GLY A 207 -14.02 -31.24 -10.42
C GLY A 207 -14.03 -31.77 -8.99
N HIS A 208 -12.87 -32.20 -8.48
CA HIS A 208 -12.81 -32.72 -7.11
C HIS A 208 -12.38 -31.57 -6.20
N HIS A 209 -13.38 -30.94 -5.56
CA HIS A 209 -13.13 -29.68 -4.88
C HIS A 209 -12.08 -29.81 -3.76
N GLU A 210 -12.12 -30.92 -3.01
CA GLU A 210 -11.15 -31.11 -1.96
C GLU A 210 -9.72 -31.38 -2.50
N GLU A 211 -9.56 -32.22 -3.53
CA GLU A 211 -8.24 -32.41 -4.14
C GLU A 211 -7.72 -31.07 -4.65
N ILE A 212 -8.61 -30.24 -5.22
CA ILE A 212 -8.15 -28.98 -5.79
C ILE A 212 -7.67 -28.06 -4.68
N ARG A 213 -8.46 -27.95 -3.60
CA ARG A 213 -8.05 -27.19 -2.41
C ARG A 213 -6.63 -27.58 -1.91
N LYS A 214 -6.45 -28.88 -1.71
CA LYS A 214 -5.18 -29.40 -1.23
C LYS A 214 -4.03 -29.16 -2.21
N TRP A 215 -4.28 -29.34 -3.51
CA TRP A 215 -3.24 -29.01 -4.51
C TRP A 215 -2.80 -27.55 -4.43
N ARG A 216 -3.77 -26.64 -4.35
CA ARG A 216 -3.51 -25.21 -4.27
C ARG A 216 -2.71 -24.87 -3.01
N LEU A 217 -3.13 -25.45 -1.90
CA LEU A 217 -2.43 -25.18 -0.64
C LEU A 217 -1.00 -25.73 -0.73
N LYS A 218 -0.85 -26.93 -1.26
CA LYS A 218 0.48 -27.53 -1.38
C LYS A 218 1.41 -26.68 -2.28
N GLN A 219 0.90 -26.23 -3.43
CA GLN A 219 1.65 -25.28 -4.28
C GLN A 219 2.06 -24.00 -3.56
N SER A 220 1.15 -23.44 -2.78
CA SER A 220 1.47 -22.19 -2.06
C SER A 220 2.59 -22.48 -1.07
N LEU A 221 2.48 -23.61 -0.36
CA LEU A 221 3.53 -23.98 0.59
C LEU A 221 4.86 -24.23 -0.12
N GLN A 222 4.83 -24.96 -1.24
CA GLN A 222 6.05 -25.21 -2.01
C GLN A 222 6.72 -23.90 -2.54
N ARG A 223 5.89 -23.05 -3.12
CA ARG A 223 6.39 -21.77 -3.65
C ARG A 223 6.95 -20.88 -2.55
N THR A 224 6.28 -20.87 -1.39
CA THR A 224 6.80 -20.04 -0.29
C THR A 224 8.16 -20.58 0.16
N TRP A 225 8.25 -21.91 0.30
CA TRP A 225 9.49 -22.52 0.71
C TRP A 225 10.63 -22.27 -0.27
N LEU A 226 10.39 -22.45 -1.56
CA LEU A 226 11.46 -22.24 -2.54
C LEU A 226 11.81 -20.75 -2.74
N ARG A 227 10.82 -19.86 -2.66
CA ARG A 227 11.12 -18.46 -3.02
C ARG A 227 11.34 -17.59 -1.81
N ARG A 228 10.60 -17.85 -0.74
CA ARG A 228 10.61 -16.95 0.41
C ARG A 228 10.63 -17.78 1.70
N PRO A 229 11.73 -18.55 1.91
CA PRO A 229 11.62 -19.52 3.01
C PRO A 229 11.53 -18.83 4.38
N GLU A 230 12.01 -17.59 4.46
CA GLU A 230 11.96 -16.88 5.72
C GLU A 230 10.50 -16.64 6.14
N LEU A 231 9.60 -16.47 5.17
CA LEU A 231 8.19 -16.30 5.50
C LEU A 231 7.59 -17.53 6.27
N LEU A 232 8.13 -18.74 6.05
CA LEU A 232 7.61 -19.91 6.80
C LEU A 232 7.98 -19.92 8.26
N GLU A 233 9.18 -19.43 8.58
CA GLU A 233 9.64 -19.41 9.93
C GLU A 233 8.65 -18.65 10.85
N GLY A 234 7.79 -17.80 10.25
CA GLY A 234 6.91 -16.94 11.03
C GLY A 234 5.49 -17.49 11.18
N LEU A 235 5.28 -18.70 10.67
CA LEU A 235 3.96 -19.28 10.66
C LEU A 235 3.90 -20.49 11.60
N ALA A 236 2.75 -20.68 12.22
CA ALA A 236 2.41 -21.90 12.96
C ALA A 236 1.56 -22.76 11.99
N LEU A 237 2.23 -23.60 11.22
CA LEU A 237 1.54 -24.41 10.23
C LEU A 237 0.52 -25.36 10.86
N THR A 238 -0.59 -25.57 10.19
CA THR A 238 -1.53 -26.58 10.66
C THR A 238 -0.93 -27.99 10.41
N ASP A 239 -1.49 -29.02 11.02
CA ASP A 239 -1.06 -30.39 10.72
C ASP A 239 -1.13 -30.63 9.19
N GLU A 240 -2.20 -30.17 8.56
CA GLU A 240 -2.32 -30.42 7.12
C GLU A 240 -1.24 -29.71 6.32
N GLN A 241 -0.95 -28.47 6.72
CA GLN A 241 0.09 -27.73 6.04
C GLN A 241 1.43 -28.38 6.26
N ARG A 242 1.70 -28.86 7.48
CA ARG A 242 3.02 -29.52 7.71
C ARG A 242 3.18 -30.70 6.76
N LYS A 243 2.11 -31.47 6.62
CA LYS A 243 2.11 -32.67 5.80
C LYS A 243 2.35 -32.33 4.33
N LEU A 244 1.54 -31.41 3.77
CA LEU A 244 1.69 -31.03 2.38
C LEU A 244 3.08 -30.41 2.07
N LEU A 245 3.60 -29.61 3.01
CA LEU A 245 4.94 -29.06 2.83
C LEU A 245 6.00 -30.17 2.82
N LYS A 246 5.90 -31.11 3.77
CA LYS A 246 6.81 -32.25 3.80
C LYS A 246 6.72 -33.02 2.48
N GLU A 247 5.49 -33.19 1.96
CA GLU A 247 5.31 -33.89 0.67
C GLU A 247 6.04 -33.14 -0.47
N ALA A 248 5.83 -31.84 -0.51
CA ALA A 248 6.42 -30.99 -1.55
C ALA A 248 7.95 -31.01 -1.49
N GLN A 249 8.49 -30.90 -0.28
CA GLN A 249 9.94 -31.00 -0.07
C GLN A 249 10.52 -32.41 -0.44
N ALA A 250 9.80 -33.49 -0.13
CA ALA A 250 10.25 -34.84 -0.56
C ALA A 250 10.25 -34.98 -2.07
N GLU A 251 9.24 -34.43 -2.74
CA GLU A 251 9.16 -34.50 -4.18
C GLU A 251 10.25 -33.67 -4.88
N HIS A 252 10.59 -32.54 -4.27
CA HIS A 252 11.65 -31.69 -4.75
C HIS A 252 13.00 -32.38 -4.62
N ASN A 253 13.20 -33.13 -3.55
CA ASN A 253 14.41 -33.93 -3.33
C ASN A 253 14.40 -35.21 -4.17
N SER A 254 13.61 -35.11 -5.24
CA SER A 254 13.28 -36.21 -6.15
C SER A 254 12.81 -37.43 -5.36
#